data_6ESV
#
_entry.id   6ESV
#
_cell.length_a   124.544
_cell.length_b   124.544
_cell.length_c   48.013
_cell.angle_alpha   90.00
_cell.angle_beta   90.00
_cell.angle_gamma   90.00
#
_symmetry.space_group_name_H-M   'P 43 21 2'
#
loop_
_entity.id
_entity.type
_entity.pdbx_description
1 polymer 'Putative periplasmic phosphite-binding-like protein (Pbl) PtxB-like protein designated AioX'
2 non-polymer 'PHOSPHATE ION'
3 water water
#
_entity_poly.entity_id   1
_entity_poly.type   'polypeptide(L)'
_entity_poly.pdbx_seq_one_letter_code
;GA(MSE)GSTVGLTALKVSGETLSEP(MSE)RPGVIRFGLTPVFLSNDLEVLDELQAYLTQAVGQEVQLITQRTYQEVTA
LLVSGNLEAAWICGYPF(MSE)KFRDELDLVATPLWRGKPVYQSYLIVGRDRDIAGFEDCQGDIHAFSDPDSNSGYLVTK
TYLAERGVSEEGFFRKSFFTYGHRNVIRAVASGLADSGSVDGYVWEV(MSE)KTTEPELVAKTRVLVKSGWHGFPPVAAA
AGQRKSQAVARIRSALLD(MSE)NQEVLGRSVLTRLQLDGFVETTAESYDSIAAN(MSE)ERVRRLG
;
_entity_poly.pdbx_strand_id   A
#
loop_
_chem_comp.id
_chem_comp.type
_chem_comp.name
_chem_comp.formula
PO4 non-polymer 'PHOSPHATE ION' 'O4 P -3'
#
# COMPACT_ATOMS: atom_id res chain seq x y z
N GLU A 21 -32.98 -14.56 -1.33
CA GLU A 21 -32.03 -14.61 -0.17
C GLU A 21 -30.54 -14.41 -0.62
N PRO A 22 -29.83 -15.40 -1.25
CA PRO A 22 -28.43 -15.01 -1.65
C PRO A 22 -28.32 -13.76 -2.61
N MSE A 23 -27.25 -12.95 -2.44
CA MSE A 23 -27.06 -11.62 -3.08
C MSE A 23 -25.70 -11.57 -3.74
O MSE A 23 -24.82 -10.79 -3.39
CB MSE A 23 -27.23 -10.51 -2.00
CG MSE A 23 -28.70 -10.02 -1.87
SE MSE A 23 -29.14 -8.10 -2.29
CE MSE A 23 -27.28 -7.49 -2.55
N ARG A 24 -25.55 -12.39 -4.77
CA ARG A 24 -24.25 -12.58 -5.42
C ARG A 24 -24.06 -11.50 -6.53
N PRO A 25 -22.83 -11.05 -6.79
CA PRO A 25 -22.67 -10.13 -7.93
C PRO A 25 -22.67 -10.91 -9.24
N GLY A 26 -22.73 -10.20 -10.35
CA GLY A 26 -22.58 -10.84 -11.67
C GLY A 26 -21.19 -11.36 -12.09
N VAL A 27 -20.17 -11.30 -11.22
CA VAL A 27 -18.75 -11.48 -11.61
C VAL A 27 -17.82 -11.52 -10.36
N ILE A 28 -16.63 -12.12 -10.45
CA ILE A 28 -15.61 -12.00 -9.37
C ILE A 28 -15.01 -10.58 -9.39
N ARG A 29 -15.00 -9.94 -8.21
CA ARG A 29 -14.58 -8.48 -8.10
C ARG A 29 -13.34 -8.42 -7.23
N PHE A 30 -12.31 -7.79 -7.76
CA PHE A 30 -11.01 -7.72 -7.07
C PHE A 30 -10.73 -6.22 -6.90
N GLY A 31 -10.61 -5.81 -5.65
CA GLY A 31 -10.53 -4.41 -5.34
C GLY A 31 -9.07 -3.95 -5.16
N LEU A 32 -8.82 -2.71 -5.51
CA LEU A 32 -7.51 -2.11 -5.29
C LEU A 32 -7.66 -0.57 -5.35
N THR A 33 -6.62 0.13 -4.93
CA THR A 33 -6.59 1.60 -5.07
C THR A 33 -5.59 1.93 -6.15
N PRO A 34 -5.49 3.23 -6.53
CA PRO A 34 -4.71 3.51 -7.75
C PRO A 34 -3.20 3.19 -7.76
N VAL A 35 -2.75 2.77 -8.94
CA VAL A 35 -1.44 2.12 -9.18
C VAL A 35 -0.42 3.22 -9.26
N SER A 38 2.58 5.25 -13.72
CA SER A 38 2.65 6.00 -15.00
C SER A 38 1.70 5.41 -16.08
N ASN A 39 2.11 4.30 -16.74
CA ASN A 39 1.24 3.40 -17.58
C ASN A 39 0.27 2.48 -16.76
N ASP A 40 -0.60 3.12 -15.96
CA ASP A 40 -1.46 2.38 -15.07
C ASP A 40 -2.54 1.58 -15.83
N LEU A 41 -3.01 2.05 -17.00
CA LEU A 41 -4.04 1.35 -17.78
C LEU A 41 -3.49 0.05 -18.34
N GLU A 42 -2.26 0.13 -18.85
CA GLU A 42 -1.59 -1.03 -19.37
C GLU A 42 -1.44 -2.15 -18.29
N VAL A 43 -0.96 -1.78 -17.11
CA VAL A 43 -0.80 -2.71 -15.99
C VAL A 43 -2.12 -3.26 -15.49
N LEU A 44 -3.14 -2.39 -15.37
CA LEU A 44 -4.46 -2.83 -14.94
C LEU A 44 -5.11 -3.79 -15.91
N ASP A 45 -5.03 -3.48 -17.21
CA ASP A 45 -5.56 -4.38 -18.22
C ASP A 45 -4.93 -5.74 -18.13
N GLU A 46 -3.60 -5.76 -18.00
CA GLU A 46 -2.90 -7.04 -17.97
C GLU A 46 -3.27 -7.80 -16.72
N LEU A 47 -3.36 -7.12 -15.60
CA LEU A 47 -3.69 -7.79 -14.34
C LEU A 47 -5.13 -8.36 -14.39
N GLN A 48 -6.02 -7.55 -14.97
CA GLN A 48 -7.40 -8.03 -15.13
C GLN A 48 -7.44 -9.29 -16.04
N ALA A 49 -6.75 -9.20 -17.16
CA ALA A 49 -6.69 -10.34 -18.10
C ALA A 49 -6.00 -11.52 -17.46
N TYR A 50 -4.89 -11.32 -16.74
CA TYR A 50 -4.27 -12.43 -16.03
C TYR A 50 -5.17 -13.12 -15.04
N LEU A 51 -5.88 -12.35 -14.20
CA LEU A 51 -6.65 -12.93 -13.18
C LEU A 51 -7.84 -13.66 -13.83
N THR A 52 -8.33 -13.13 -14.90
CA THR A 52 -9.43 -13.77 -15.63
C THR A 52 -8.95 -15.15 -16.18
N GLN A 53 -7.78 -15.12 -16.75
CA GLN A 53 -7.18 -16.30 -17.39
C GLN A 53 -6.88 -17.33 -16.37
N ALA A 54 -6.44 -16.94 -15.17
CA ALA A 54 -6.04 -17.86 -14.14
C ALA A 54 -7.15 -18.39 -13.31
N VAL A 55 -8.11 -17.54 -13.06
CA VAL A 55 -9.18 -17.87 -12.16
C VAL A 55 -10.22 -18.70 -12.86
N GLY A 56 -10.33 -18.51 -14.15
CA GLY A 56 -11.16 -19.37 -14.94
C GLY A 56 -12.50 -18.79 -15.25
N GLN A 57 -12.63 -17.47 -15.11
CA GLN A 57 -13.86 -16.72 -15.38
C GLN A 57 -13.58 -15.22 -15.19
N GLU A 58 -14.53 -14.39 -15.60
CA GLU A 58 -14.28 -12.99 -15.60
C GLU A 58 -13.98 -12.50 -14.18
N VAL A 59 -12.90 -11.71 -14.10
CA VAL A 59 -12.58 -10.94 -12.92
C VAL A 59 -12.64 -9.47 -13.31
N GLN A 60 -13.43 -8.67 -12.55
CA GLN A 60 -13.46 -7.23 -12.69
C GLN A 60 -12.59 -6.57 -11.57
N LEU A 61 -11.73 -5.67 -12.01
CA LEU A 61 -10.95 -4.84 -11.07
C LEU A 61 -11.82 -3.63 -10.71
N ILE A 62 -11.98 -3.44 -9.41
CA ILE A 62 -12.73 -2.33 -8.88
C ILE A 62 -11.70 -1.44 -8.19
N THR A 63 -11.46 -0.26 -8.73
CA THR A 63 -10.56 0.70 -8.05
C THR A 63 -11.38 1.73 -7.30
N GLN A 64 -10.93 2.07 -6.10
CA GLN A 64 -11.50 3.16 -5.34
C GLN A 64 -10.33 4.06 -4.93
N ARG A 65 -10.65 5.30 -4.66
CA ARG A 65 -9.64 6.33 -4.41
C ARG A 65 -8.96 6.11 -3.03
N THR A 66 -9.66 5.67 -2.01
CA THR A 66 -9.07 5.57 -0.68
C THR A 66 -9.06 4.19 -0.10
N TYR A 67 -8.09 3.97 0.79
CA TYR A 67 -7.98 2.70 1.47
C TYR A 67 -9.21 2.40 2.28
N GLN A 68 -9.78 3.40 2.95
CA GLN A 68 -10.93 2.92 3.79
C GLN A 68 -12.15 2.53 2.92
N GLU A 69 -12.30 3.11 1.73
CA GLU A 69 -13.33 2.71 0.78
C GLU A 69 -13.15 1.30 0.27
N VAL A 70 -11.93 0.93 -0.14
CA VAL A 70 -11.67 -0.47 -0.56
C VAL A 70 -11.86 -1.41 0.59
N THR A 71 -11.39 -1.05 1.75
CA THR A 71 -11.43 -1.98 2.85
C THR A 71 -12.89 -2.21 3.30
N ALA A 72 -13.71 -1.18 3.21
CA ALA A 72 -15.09 -1.30 3.74
C ALA A 72 -15.88 -2.18 2.76
N LEU A 73 -15.73 -1.93 1.47
CA LEU A 73 -16.28 -2.84 0.41
C LEU A 73 -15.90 -4.32 0.61
N LEU A 74 -14.67 -4.55 0.98
CA LEU A 74 -14.21 -5.89 1.22
C LEU A 74 -14.85 -6.42 2.44
N VAL A 75 -14.82 -5.65 3.52
CA VAL A 75 -15.34 -6.10 4.84
C VAL A 75 -16.85 -6.45 4.76
N SER A 76 -17.59 -5.72 3.91
CA SER A 76 -18.99 -5.95 3.75
C SER A 76 -19.28 -7.08 2.77
N GLY A 77 -18.23 -7.81 2.36
CA GLY A 77 -18.38 -8.84 1.35
C GLY A 77 -18.78 -8.32 0.01
N ASN A 78 -18.64 -7.05 -0.31
CA ASN A 78 -18.88 -6.59 -1.71
C ASN A 78 -17.69 -6.69 -2.70
N LEU A 79 -16.66 -7.39 -2.32
CA LEU A 79 -15.57 -7.69 -3.23
C LEU A 79 -15.18 -9.06 -2.78
N GLU A 80 -14.66 -9.86 -3.70
CA GLU A 80 -14.22 -11.21 -3.35
C GLU A 80 -12.82 -11.19 -2.76
N ALA A 81 -12.04 -10.25 -3.27
CA ALA A 81 -10.74 -9.98 -2.67
C ALA A 81 -10.32 -8.53 -2.94
N ALA A 82 -9.26 -8.09 -2.22
CA ALA A 82 -8.70 -6.78 -2.52
C ALA A 82 -7.27 -6.66 -2.01
N TRP A 83 -6.54 -5.86 -2.72
CA TRP A 83 -5.13 -5.59 -2.39
C TRP A 83 -5.18 -4.33 -1.51
N ILE A 84 -4.94 -4.53 -0.23
CA ILE A 84 -5.07 -3.44 0.76
C ILE A 84 -3.71 -3.32 1.52
N CYS A 85 -3.63 -2.39 2.47
CA CYS A 85 -2.43 -2.14 3.21
C CYS A 85 -2.53 -2.95 4.42
N GLY A 86 -1.41 -3.29 4.99
CA GLY A 86 -1.33 -4.04 6.24
C GLY A 86 -1.96 -3.32 7.42
N TYR A 87 -2.02 -2.00 7.34
CA TYR A 87 -2.65 -1.23 8.42
C TYR A 87 -4.18 -1.47 8.45
N PRO A 88 -4.88 -1.17 7.42
CA PRO A 88 -6.30 -1.54 7.44
C PRO A 88 -6.57 -3.03 7.58
N PHE A 89 -5.68 -3.87 7.04
CA PHE A 89 -5.83 -5.27 7.27
C PHE A 89 -5.85 -5.55 8.79
N MSE A 90 -4.86 -5.04 9.52
CA MSE A 90 -4.79 -5.31 10.96
C MSE A 90 -5.89 -4.62 11.75
O MSE A 90 -6.35 -5.16 12.75
CB MSE A 90 -3.48 -4.92 11.60
CG MSE A 90 -2.32 -5.80 11.25
SE MSE A 90 -2.62 -7.74 11.70
CE MSE A 90 -1.27 -8.10 13.06
N LYS A 91 -6.32 -3.47 11.29
CA LYS A 91 -7.47 -2.77 11.91
C LYS A 91 -8.73 -3.62 11.86
N PHE A 92 -8.94 -4.35 10.75
CA PHE A 92 -10.17 -5.14 10.47
C PHE A 92 -9.81 -6.60 10.41
N ARG A 93 -8.89 -6.95 11.26
CA ARG A 93 -8.30 -8.25 11.30
C ARG A 93 -9.35 -9.38 11.51
N ASP A 94 -10.34 -9.14 12.37
CA ASP A 94 -11.34 -10.18 12.65
C ASP A 94 -12.34 -10.34 11.55
N GLU A 95 -12.52 -9.36 10.69
CA GLU A 95 -13.41 -9.42 9.55
C GLU A 95 -12.72 -9.90 8.22
N LEU A 96 -11.43 -10.13 8.23
CA LEU A 96 -10.68 -10.35 6.99
C LEU A 96 -9.69 -11.48 7.15
N ASP A 97 -9.41 -12.17 6.05
CA ASP A 97 -8.32 -13.20 6.00
C ASP A 97 -7.31 -12.82 4.92
N LEU A 98 -6.06 -13.11 5.22
CA LEU A 98 -4.97 -12.95 4.25
C LEU A 98 -5.11 -13.98 3.12
N VAL A 99 -4.96 -13.53 1.87
CA VAL A 99 -4.88 -14.40 0.72
C VAL A 99 -3.43 -14.67 0.38
N ALA A 100 -2.68 -13.61 0.00
CA ALA A 100 -1.23 -13.76 -0.21
C ALA A 100 -0.57 -12.40 -0.13
N THR A 101 0.73 -12.41 0.08
CA THR A 101 1.55 -11.19 0.16
C THR A 101 2.53 -11.13 -0.98
N PRO A 102 2.73 -9.93 -1.57
CA PRO A 102 3.76 -9.76 -2.56
C PRO A 102 5.17 -9.88 -2.04
N LEU A 103 6.05 -10.31 -2.93
CA LEU A 103 7.44 -10.34 -2.72
C LEU A 103 8.10 -9.24 -3.50
N TRP A 104 8.97 -8.48 -2.86
CA TRP A 104 9.72 -7.43 -3.52
C TRP A 104 11.16 -7.56 -3.13
N ARG A 105 12.05 -7.48 -4.09
CA ARG A 105 13.48 -7.75 -3.75
C ARG A 105 13.66 -9.00 -2.93
N GLY A 106 12.90 -10.04 -3.31
CA GLY A 106 12.96 -11.33 -2.67
C GLY A 106 12.30 -11.56 -1.34
N LYS A 107 11.64 -10.53 -0.74
CA LYS A 107 11.11 -10.68 0.60
C LYS A 107 9.73 -9.98 0.68
N PRO A 108 8.87 -10.43 1.56
CA PRO A 108 7.52 -9.89 1.70
C PRO A 108 7.50 -8.67 2.69
N VAL A 109 8.49 -7.79 2.54
CA VAL A 109 8.67 -6.63 3.43
C VAL A 109 9.04 -5.38 2.67
N TYR A 110 8.77 -4.21 3.31
CA TYR A 110 9.12 -2.93 2.72
C TYR A 110 9.23 -1.89 3.90
N GLN A 111 9.72 -0.75 3.51
CA GLN A 111 9.95 0.40 4.41
C GLN A 111 9.10 1.59 4.01
N SER A 112 8.91 2.49 4.99
CA SER A 112 8.47 3.84 4.75
C SER A 112 9.67 4.79 4.60
N TYR A 113 9.70 5.62 3.57
CA TYR A 113 10.76 6.58 3.42
C TYR A 113 10.18 7.98 3.75
N LEU A 114 10.88 8.70 4.61
CA LEU A 114 10.49 10.10 4.89
C LEU A 114 11.38 10.92 3.94
N ILE A 115 10.80 11.59 2.94
CA ILE A 115 11.52 12.25 1.90
C ILE A 115 11.48 13.79 2.02
N VAL A 116 12.53 14.43 1.50
CA VAL A 116 12.62 15.91 1.45
C VAL A 116 13.13 16.29 0.09
N GLY A 117 13.18 17.59 -0.20
CA GLY A 117 13.79 18.02 -1.49
C GLY A 117 15.28 17.67 -1.59
N ARG A 118 15.75 17.41 -2.81
CA ARG A 118 17.14 16.94 -3.05
C ARG A 118 18.20 17.79 -2.36
N ASP A 119 18.01 19.09 -2.38
CA ASP A 119 19.01 20.04 -1.89
C ASP A 119 18.63 20.60 -0.56
N ARG A 120 17.58 20.08 0.07
CA ARG A 120 17.27 20.57 1.37
C ARG A 120 18.43 20.26 2.32
N ASP A 121 18.96 21.28 2.96
CA ASP A 121 20.01 21.04 3.97
C ASP A 121 19.31 20.82 5.30
N ILE A 122 19.19 19.57 5.73
CA ILE A 122 18.76 19.24 7.09
C ILE A 122 19.31 17.90 7.48
N ALA A 123 19.43 17.66 8.76
CA ALA A 123 20.14 16.51 9.31
C ALA A 123 19.20 15.39 9.66
N GLY A 124 18.04 15.69 10.19
CA GLY A 124 17.12 14.63 10.55
C GLY A 124 15.69 15.10 10.66
N PHE A 125 14.86 14.16 11.04
CA PHE A 125 13.42 14.32 11.15
C PHE A 125 13.02 15.52 12.01
N GLU A 126 13.78 15.80 13.07
CA GLU A 126 13.39 16.85 14.00
C GLU A 126 13.39 18.20 13.34
N ASP A 127 14.23 18.34 12.36
CA ASP A 127 14.32 19.55 11.56
C ASP A 127 13.16 19.74 10.65
N CYS A 128 12.27 18.76 10.51
CA CYS A 128 11.03 18.98 9.69
C CYS A 128 9.90 19.66 10.48
N GLN A 129 10.15 19.99 11.76
CA GLN A 129 9.19 20.79 12.53
C GLN A 129 8.88 22.05 11.75
N GLY A 130 7.61 22.37 11.69
CA GLY A 130 7.13 23.50 10.86
C GLY A 130 7.00 23.29 9.37
N ASP A 131 7.24 22.09 8.87
CA ASP A 131 7.05 21.80 7.44
C ASP A 131 5.61 21.84 7.04
N ILE A 132 5.41 22.02 5.74
CA ILE A 132 4.22 21.49 5.07
C ILE A 132 4.56 20.02 4.65
N HIS A 133 3.73 19.11 5.11
CA HIS A 133 4.02 17.69 4.99
C HIS A 133 2.95 17.00 4.19
N ALA A 134 3.38 16.17 3.27
CA ALA A 134 2.43 15.40 2.47
C ALA A 134 2.38 13.93 2.95
N PHE A 135 1.23 13.49 3.34
CA PHE A 135 0.93 12.12 3.67
C PHE A 135 0.20 11.54 2.43
N SER A 136 0.18 10.21 2.29
N SER A 136 0.12 10.23 2.36
CA SER A 136 -0.60 9.56 1.21
CA SER A 136 -0.60 9.64 1.27
C SER A 136 -2.07 9.40 1.65
C SER A 136 -2.07 9.40 1.65
N ASP A 137 -2.37 8.64 2.69
CA ASP A 137 -3.77 8.26 2.96
C ASP A 137 -3.82 7.96 4.41
N PRO A 138 -4.89 8.41 5.11
CA PRO A 138 -4.89 8.25 6.57
C PRO A 138 -4.88 6.84 7.02
N ASP A 139 -5.22 5.93 6.12
CA ASP A 139 -5.12 4.52 6.44
C ASP A 139 -3.89 3.82 5.78
N SER A 140 -2.86 4.56 5.40
CA SER A 140 -1.62 3.94 4.85
C SER A 140 -0.60 3.73 5.90
N ASN A 141 0.00 2.53 5.96
CA ASN A 141 1.04 2.29 6.85
C ASN A 141 2.25 3.21 6.56
N SER A 142 2.75 3.17 5.32
CA SER A 142 3.98 3.89 4.98
C SER A 142 3.77 5.34 4.66
N GLY A 143 2.54 5.71 4.34
CA GLY A 143 2.21 7.07 3.94
C GLY A 143 1.59 7.87 5.06
N TYR A 144 1.49 7.28 6.27
CA TYR A 144 0.86 7.98 7.41
C TYR A 144 1.32 7.34 8.74
N LEU A 145 1.02 6.08 8.99
CA LEU A 145 1.22 5.48 10.30
C LEU A 145 2.64 5.56 10.79
N VAL A 146 3.60 5.16 9.94
CA VAL A 146 4.94 5.12 10.38
C VAL A 146 5.34 6.54 10.91
N THR A 147 5.17 7.54 10.09
CA THR A 147 5.46 8.91 10.52
C THR A 147 4.66 9.41 11.72
N LYS A 148 3.38 9.03 11.79
CA LYS A 148 2.50 9.31 12.94
C LYS A 148 3.12 8.66 14.20
N THR A 149 3.75 7.50 14.06
CA THR A 149 4.48 6.86 15.18
C THR A 149 5.71 7.64 15.64
N TYR A 150 6.50 8.13 14.71
CA TYR A 150 7.62 9.00 15.02
C TYR A 150 7.14 10.17 15.87
N LEU A 151 6.06 10.78 15.42
CA LEU A 151 5.49 12.03 16.11
C LEU A 151 5.01 11.62 17.51
N ALA A 152 4.18 10.58 17.60
CA ALA A 152 3.61 10.15 18.88
C ALA A 152 4.64 9.75 19.91
N GLU A 153 5.69 9.09 19.49
CA GLU A 153 6.82 8.76 20.36
C GLU A 153 7.46 9.99 20.99
N ARG A 154 7.40 11.11 20.28
CA ARG A 154 7.95 12.39 20.74
C ARG A 154 6.88 13.33 21.34
N GLY A 155 5.70 12.83 21.59
CA GLY A 155 4.65 13.56 22.20
C GLY A 155 3.88 14.55 21.39
N VAL A 156 3.96 14.45 20.04
CA VAL A 156 3.35 15.48 19.18
C VAL A 156 2.50 14.81 18.12
N SER A 157 1.60 15.57 17.53
CA SER A 157 0.78 15.11 16.48
C SER A 157 1.16 15.97 15.26
N GLU A 158 0.61 15.60 14.12
CA GLU A 158 0.88 16.34 12.89
C GLU A 158 0.41 17.82 12.99
N GLU A 159 -0.69 18.07 13.69
CA GLU A 159 -1.19 19.45 13.81
C GLU A 159 -0.24 20.32 14.65
N GLY A 160 0.35 19.75 15.69
CA GLY A 160 1.38 20.42 16.47
C GLY A 160 2.73 20.59 15.85
N PHE A 161 3.19 19.57 15.14
CA PHE A 161 4.58 19.54 14.69
C PHE A 161 4.74 20.28 13.35
N PHE A 162 3.83 20.03 12.41
CA PHE A 162 3.95 20.64 11.09
C PHE A 162 3.09 21.94 11.07
N ARG A 163 3.43 22.86 10.16
CA ARG A 163 2.56 24.02 9.92
C ARG A 163 1.35 23.61 9.13
N LYS A 164 1.49 22.61 8.24
CA LYS A 164 0.29 22.07 7.61
C LYS A 164 0.58 20.62 7.20
N SER A 165 -0.40 19.77 7.22
CA SER A 165 -0.23 18.45 6.53
C SER A 165 -1.47 18.19 5.66
N PHE A 166 -1.31 17.39 4.60
CA PHE A 166 -2.46 17.02 3.81
C PHE A 166 -2.20 15.60 3.22
N PHE A 167 -3.30 15.05 2.75
CA PHE A 167 -3.31 13.72 2.09
C PHE A 167 -3.36 13.88 0.61
N THR A 168 -2.45 13.16 -0.07
CA THR A 168 -2.37 13.22 -1.53
C THR A 168 -3.15 12.04 -2.19
N TYR A 169 -3.55 11.06 -1.42
CA TYR A 169 -4.22 9.88 -1.90
C TYR A 169 -3.42 9.15 -2.99
N GLY A 170 -2.12 9.11 -2.79
CA GLY A 170 -1.29 8.26 -3.65
C GLY A 170 0.16 8.53 -3.39
N HIS A 171 0.95 7.46 -3.43
CA HIS A 171 2.37 7.59 -3.14
C HIS A 171 3.17 8.30 -4.21
N ARG A 172 2.77 8.13 -5.47
CA ARG A 172 3.36 8.91 -6.56
C ARG A 172 3.11 10.42 -6.35
N ASN A 173 1.94 10.74 -5.85
CA ASN A 173 1.59 12.12 -5.55
C ASN A 173 2.41 12.71 -4.38
N VAL A 174 2.69 11.92 -3.33
CA VAL A 174 3.60 12.43 -2.33
C VAL A 174 4.90 12.85 -2.90
N ILE A 175 5.47 12.01 -3.78
CA ILE A 175 6.70 12.32 -4.41
C ILE A 175 6.59 13.55 -5.26
N ARG A 176 5.51 13.69 -6.00
CA ARG A 176 5.39 14.90 -6.83
C ARG A 176 5.25 16.17 -5.98
N ALA A 177 4.55 16.05 -4.85
CA ALA A 177 4.30 17.20 -3.93
C ALA A 177 5.61 17.68 -3.34
N VAL A 178 6.52 16.76 -2.95
CA VAL A 178 7.82 17.16 -2.43
C VAL A 178 8.70 17.68 -3.58
N ALA A 179 8.74 16.97 -4.70
CA ALA A 179 9.53 17.39 -5.87
C ALA A 179 9.20 18.80 -6.36
N SER A 180 7.92 19.15 -6.29
CA SER A 180 7.46 20.44 -6.80
C SER A 180 7.65 21.54 -5.76
N GLY A 181 8.00 21.24 -4.51
CA GLY A 181 8.06 22.23 -3.45
C GLY A 181 6.80 22.57 -2.76
N LEU A 182 5.65 22.03 -3.14
CA LEU A 182 4.43 22.33 -2.38
C LEU A 182 4.50 21.75 -0.99
N ALA A 183 5.22 20.64 -0.84
CA ALA A 183 5.44 20.05 0.51
C ALA A 183 6.92 20.13 0.74
N ASP A 184 7.32 20.45 1.97
CA ASP A 184 8.72 20.44 2.35
C ASP A 184 9.23 19.02 2.65
N SER A 185 8.30 18.12 2.98
CA SER A 185 8.61 16.72 3.39
C SER A 185 7.42 15.90 3.14
N GLY A 186 7.68 14.61 2.96
CA GLY A 186 6.59 13.65 2.74
C GLY A 186 6.87 12.27 3.30
N SER A 187 5.81 11.49 3.39
CA SER A 187 5.85 10.16 3.86
C SER A 187 5.44 9.24 2.72
N VAL A 188 6.31 8.34 2.28
CA VAL A 188 6.02 7.53 1.12
C VAL A 188 6.44 6.10 1.30
N ASP A 189 5.70 5.23 0.63
CA ASP A 189 6.06 3.83 0.43
C ASP A 189 7.43 3.71 -0.28
N GLY A 190 8.38 3.10 0.39
CA GLY A 190 9.76 3.08 -0.09
C GLY A 190 9.90 2.18 -1.34
N TYR A 191 9.00 1.22 -1.42
CA TYR A 191 8.86 0.37 -2.65
C TYR A 191 8.44 1.25 -3.81
N VAL A 192 7.47 2.15 -3.59
CA VAL A 192 7.05 3.02 -4.63
C VAL A 192 8.14 3.94 -5.06
N TRP A 193 8.80 4.55 -4.07
CA TRP A 193 9.89 5.45 -4.35
C TRP A 193 10.97 4.76 -5.20
N GLU A 194 11.34 3.53 -4.84
CA GLU A 194 12.41 2.74 -5.60
C GLU A 194 11.95 2.45 -7.02
N VAL A 195 10.68 2.07 -7.21
CA VAL A 195 10.16 1.79 -8.55
C VAL A 195 10.18 3.08 -9.39
N MSE A 196 9.68 4.20 -8.84
CA MSE A 196 9.71 5.41 -9.58
C MSE A 196 11.04 5.98 -9.87
O MSE A 196 11.20 6.69 -10.85
CB MSE A 196 8.84 6.45 -8.85
CG MSE A 196 7.46 5.97 -9.19
SE MSE A 196 6.23 7.29 -8.50
CE MSE A 196 7.10 9.10 -8.71
N LYS A 197 12.02 5.74 -9.01
CA LYS A 197 13.38 6.06 -9.28
C LYS A 197 13.84 5.53 -10.65
N THR A 198 13.29 4.41 -11.06
CA THR A 198 13.69 3.75 -12.29
C THR A 198 12.78 4.12 -13.39
N THR A 199 11.51 4.47 -13.16
CA THR A 199 10.58 4.79 -14.25
C THR A 199 10.45 6.30 -14.52
N GLU A 200 10.66 7.13 -13.50
CA GLU A 200 10.65 8.61 -13.61
C GLU A 200 11.84 9.19 -12.86
N PRO A 201 13.05 8.87 -13.31
CA PRO A 201 14.23 9.27 -12.58
C PRO A 201 14.42 10.74 -12.40
N GLU A 202 14.04 11.57 -13.37
CA GLU A 202 14.22 13.02 -13.26
C GLU A 202 13.29 13.61 -12.17
N LEU A 203 12.10 13.05 -12.01
CA LEU A 203 11.20 13.42 -10.93
C LEU A 203 11.71 13.01 -9.53
N VAL A 204 12.16 11.78 -9.41
CA VAL A 204 12.59 11.27 -8.11
C VAL A 204 13.95 11.95 -7.71
N ALA A 205 14.83 12.29 -8.67
CA ALA A 205 16.07 13.03 -8.40
C ALA A 205 15.84 14.37 -7.69
N LYS A 206 14.62 14.90 -7.74
CA LYS A 206 14.30 16.11 -7.00
C LYS A 206 13.99 15.86 -5.55
N THR A 207 14.06 14.61 -5.13
CA THR A 207 13.82 14.25 -3.73
C THR A 207 14.98 13.53 -3.18
N ARG A 208 15.06 13.42 -1.84
CA ARG A 208 16.00 12.51 -1.26
C ARG A 208 15.39 11.92 -0.02
N VAL A 209 15.89 10.76 0.31
CA VAL A 209 15.40 10.02 1.53
C VAL A 209 16.11 10.52 2.76
N LEU A 210 15.36 11.15 3.64
CA LEU A 210 15.86 11.58 4.92
C LEU A 210 15.92 10.46 5.99
N VAL A 211 14.87 9.68 6.13
CA VAL A 211 14.76 8.62 7.17
C VAL A 211 14.10 7.42 6.45
N LYS A 212 14.63 6.24 6.71
CA LYS A 212 14.04 4.96 6.36
C LYS A 212 13.58 4.29 7.65
N SER A 213 12.34 3.81 7.64
CA SER A 213 11.77 3.09 8.81
C SER A 213 12.36 1.67 8.98
N GLY A 214 11.86 0.99 9.97
CA GLY A 214 11.97 -0.46 10.02
C GLY A 214 11.12 -1.16 8.95
N TRP A 215 11.33 -2.48 8.87
CA TRP A 215 10.69 -3.33 7.87
C TRP A 215 9.31 -3.75 8.31
N HIS A 216 8.34 -3.62 7.44
CA HIS A 216 7.02 -4.01 7.70
C HIS A 216 6.54 -4.95 6.61
N GLY A 217 5.51 -5.68 6.94
CA GLY A 217 4.87 -6.58 6.00
C GLY A 217 4.31 -5.84 4.79
N PHE A 218 4.56 -6.39 3.61
CA PHE A 218 4.18 -5.76 2.36
C PHE A 218 2.63 -5.83 2.23
N PRO A 219 2.00 -4.76 1.65
CA PRO A 219 0.54 -4.68 1.49
C PRO A 219 -0.03 -5.97 0.89
N PRO A 220 -0.89 -6.68 1.63
CA PRO A 220 -1.37 -7.99 1.17
C PRO A 220 -2.65 -7.97 0.41
N VAL A 221 -2.95 -9.09 -0.28
CA VAL A 221 -4.30 -9.30 -0.79
C VAL A 221 -5.05 -10.02 0.33
N ALA A 222 -6.25 -9.54 0.62
CA ALA A 222 -7.07 -10.11 1.64
C ALA A 222 -8.47 -10.44 1.04
N ALA A 223 -9.21 -11.16 1.87
CA ALA A 223 -10.58 -11.62 1.54
C ALA A 223 -11.43 -11.47 2.80
N ALA A 224 -12.73 -11.24 2.63
CA ALA A 224 -13.71 -11.28 3.75
C ALA A 224 -13.57 -12.60 4.47
N ALA A 225 -13.57 -12.58 5.81
CA ALA A 225 -13.37 -13.82 6.58
C ALA A 225 -14.47 -14.90 6.35
N GLY A 226 -15.68 -14.47 5.96
CA GLY A 226 -16.76 -15.40 5.50
C GLY A 226 -16.51 -16.16 4.20
N GLN A 227 -15.73 -15.58 3.29
CA GLN A 227 -15.35 -16.25 2.07
C GLN A 227 -14.13 -17.16 2.16
N ARG A 228 -13.63 -17.41 3.35
CA ARG A 228 -12.45 -18.25 3.55
C ARG A 228 -12.22 -19.40 2.55
N LYS A 229 -13.13 -20.39 2.56
CA LYS A 229 -13.02 -21.57 1.70
C LYS A 229 -13.83 -21.47 0.38
N SER A 230 -14.35 -20.29 0.05
CA SER A 230 -15.03 -20.09 -1.22
C SER A 230 -14.15 -20.39 -2.45
N GLN A 231 -14.80 -20.69 -3.55
CA GLN A 231 -14.11 -21.14 -4.71
C GLN A 231 -13.40 -19.97 -5.36
N ALA A 232 -14.04 -18.80 -5.37
CA ALA A 232 -13.42 -17.62 -5.93
C ALA A 232 -12.15 -17.31 -5.15
N VAL A 233 -12.16 -17.45 -3.82
CA VAL A 233 -10.99 -17.09 -3.02
C VAL A 233 -9.92 -18.09 -3.29
N ALA A 234 -10.27 -19.39 -3.31
CA ALA A 234 -9.25 -20.41 -3.61
C ALA A 234 -8.61 -20.19 -4.97
N ARG A 235 -9.39 -19.84 -5.96
CA ARG A 235 -8.84 -19.67 -7.30
C ARG A 235 -7.98 -18.36 -7.37
N ILE A 236 -8.45 -17.31 -6.70
CA ILE A 236 -7.64 -16.09 -6.59
C ILE A 236 -6.30 -16.34 -5.96
N ARG A 237 -6.27 -17.07 -4.86
CA ARG A 237 -5.09 -17.40 -4.20
C ARG A 237 -4.11 -18.17 -5.05
N SER A 238 -4.59 -19.20 -5.75
CA SER A 238 -3.70 -19.92 -6.65
C SER A 238 -3.24 -19.04 -7.78
N ALA A 239 -4.13 -18.18 -8.30
CA ALA A 239 -3.76 -17.25 -9.37
C ALA A 239 -2.56 -16.37 -8.91
N LEU A 240 -2.57 -15.94 -7.66
CA LEU A 240 -1.49 -15.08 -7.17
C LEU A 240 -0.19 -15.86 -6.95
N LEU A 241 -0.28 -16.99 -6.27
CA LEU A 241 0.84 -17.75 -5.94
C LEU A 241 1.48 -18.34 -7.19
N ASP A 242 0.70 -18.58 -8.25
CA ASP A 242 1.25 -19.16 -9.52
C ASP A 242 1.45 -18.13 -10.58
N MSE A 243 1.39 -16.84 -10.24
CA MSE A 243 1.52 -15.80 -11.24
C MSE A 243 2.82 -15.82 -12.04
O MSE A 243 2.85 -15.37 -13.18
CB MSE A 243 1.37 -14.41 -10.59
CG MSE A 243 1.20 -13.28 -11.59
SE MSE A 243 0.72 -11.47 -10.74
CE MSE A 243 -0.59 -12.19 -9.54
N ASN A 244 3.88 -16.27 -11.42
CA ASN A 244 5.17 -16.45 -12.09
C ASN A 244 5.26 -17.51 -13.12
N GLN A 245 4.29 -18.41 -13.12
CA GLN A 245 4.32 -19.59 -14.01
C GLN A 245 3.67 -19.28 -15.31
N GLU A 246 3.08 -18.09 -15.50
CA GLU A 246 2.49 -17.75 -16.78
C GLU A 246 3.09 -16.48 -17.36
N VAL A 247 3.23 -16.46 -18.66
CA VAL A 247 3.82 -15.31 -19.32
C VAL A 247 3.15 -13.95 -19.00
N LEU A 248 1.83 -13.91 -19.07
CA LEU A 248 1.13 -12.67 -18.77
C LEU A 248 1.27 -12.32 -17.28
N GLY A 249 1.22 -13.32 -16.42
CA GLY A 249 1.49 -13.08 -15.00
C GLY A 249 2.88 -12.46 -14.80
N ARG A 250 3.89 -13.01 -15.44
CA ARG A 250 5.22 -12.41 -15.37
C ARG A 250 5.28 -11.00 -15.85
N SER A 251 4.48 -10.67 -16.86
CA SER A 251 4.46 -9.32 -17.42
C SER A 251 3.98 -8.28 -16.39
N VAL A 252 2.90 -8.67 -15.70
CA VAL A 252 2.36 -7.85 -14.57
C VAL A 252 3.43 -7.65 -13.45
N LEU A 253 4.05 -8.76 -13.02
CA LEU A 253 5.10 -8.71 -12.00
C LEU A 253 6.25 -7.81 -12.43
N THR A 254 6.69 -7.97 -13.69
CA THR A 254 7.75 -7.10 -14.22
C THR A 254 7.41 -5.63 -14.12
N ARG A 255 6.21 -5.28 -14.54
CA ARG A 255 5.79 -3.87 -14.55
C ARG A 255 5.72 -3.28 -13.13
N LEU A 256 5.32 -4.11 -12.17
CA LEU A 256 5.26 -3.70 -10.78
C LEU A 256 6.59 -3.88 -10.04
N GLN A 257 7.54 -4.52 -10.67
CA GLN A 257 8.81 -4.86 -10.08
C GLN A 257 8.68 -5.71 -8.90
N LEU A 258 7.73 -6.62 -8.94
CA LEU A 258 7.51 -7.58 -7.90
C LEU A 258 8.01 -8.97 -8.40
N ASP A 259 8.26 -9.85 -7.45
CA ASP A 259 8.83 -11.17 -7.77
C ASP A 259 7.82 -12.30 -7.75
N GLY A 260 6.67 -12.08 -7.12
CA GLY A 260 5.64 -13.07 -6.95
C GLY A 260 4.82 -12.79 -5.72
N PHE A 261 4.13 -13.82 -5.25
CA PHE A 261 3.29 -13.73 -4.06
C PHE A 261 3.56 -14.92 -3.23
N VAL A 262 3.51 -14.77 -1.93
CA VAL A 262 3.65 -15.87 -0.98
C VAL A 262 2.55 -15.92 0.06
N GLU A 263 2.39 -17.09 0.70
CA GLU A 263 1.42 -17.15 1.80
C GLU A 263 2.04 -16.67 3.11
N THR A 264 1.33 -15.83 3.86
CA THR A 264 1.81 -15.36 5.13
C THR A 264 0.68 -15.54 6.09
N THR A 265 0.96 -15.32 7.35
CA THR A 265 -0.06 -15.29 8.38
C THR A 265 -0.08 -13.89 8.96
N ALA A 266 -1.10 -13.59 9.76
CA ALA A 266 -1.24 -12.27 10.38
C ALA A 266 -0.07 -11.83 11.19
N GLU A 267 0.76 -12.77 11.64
CA GLU A 267 1.91 -12.43 12.45
C GLU A 267 2.98 -11.63 11.68
N SER A 268 2.96 -11.75 10.35
CA SER A 268 3.80 -10.96 9.50
C SER A 268 3.49 -9.46 9.63
N TYR A 269 2.28 -9.13 10.10
CA TYR A 269 1.83 -7.74 10.25
C TYR A 269 1.93 -7.22 11.67
N ASP A 270 2.66 -7.92 12.53
CA ASP A 270 2.68 -7.59 13.97
C ASP A 270 3.37 -6.23 14.21
N SER A 271 4.42 -5.96 13.46
CA SER A 271 5.10 -4.65 13.60
C SER A 271 4.16 -3.46 13.27
N ILE A 272 3.25 -3.63 12.31
CA ILE A 272 2.21 -2.67 12.06
C ILE A 272 1.22 -2.52 13.21
N ALA A 273 0.72 -3.65 13.72
CA ALA A 273 -0.21 -3.59 14.87
C ALA A 273 0.44 -2.91 16.09
N ALA A 274 1.71 -3.18 16.32
CA ALA A 274 2.50 -2.57 17.40
C ALA A 274 2.56 -1.05 17.23
N ASN A 275 2.81 -0.56 16.01
CA ASN A 275 2.72 0.87 15.80
C ASN A 275 1.35 1.41 16.01
N MSE A 276 0.30 0.70 15.56
CA MSE A 276 -1.02 1.18 15.73
C MSE A 276 -1.32 1.42 17.20
O MSE A 276 -1.97 2.44 17.60
CB MSE A 276 -2.09 0.26 15.20
CG MSE A 276 -2.11 0.16 13.73
SE MSE A 276 -3.10 -1.53 13.33
CE MSE A 276 -4.81 -1.05 14.19
N GLU A 277 -0.84 0.49 18.01
CA GLU A 277 -1.01 0.55 19.46
C GLU A 277 -0.20 1.66 20.10
N ARG A 278 1.07 1.80 19.77
CA ARG A 278 1.80 3.03 20.19
C ARG A 278 1.06 4.32 19.89
N VAL A 279 0.56 4.48 18.67
CA VAL A 279 -0.21 5.68 18.33
C VAL A 279 -1.50 5.80 19.19
N ARG A 280 -2.19 4.69 19.46
CA ARG A 280 -3.37 4.72 20.34
C ARG A 280 -2.95 4.99 21.81
N ARG A 281 -2.02 4.19 22.34
CA ARG A 281 -1.53 4.25 23.75
C ARG A 281 -1.09 5.64 24.07
N LEU A 282 -0.38 6.24 23.14
CA LEU A 282 0.19 7.56 23.31
C LEU A 282 -0.71 8.70 22.88
N GLY A 283 -1.87 8.43 22.33
CA GLY A 283 -2.71 9.48 21.75
C GLY A 283 -3.35 10.40 22.77
P PO4 B . 1.21 1.42 1.73
O1 PO4 B . 0.48 0.09 1.92
O2 PO4 B . 0.22 2.60 1.67
O3 PO4 B . 1.92 1.41 0.42
O4 PO4 B . 2.14 1.48 2.89
#